data_6RSH
#
_entry.id   6RSH
#
_cell.length_a   43.010
_cell.length_b   89.180
_cell.length_c   174.700
_cell.angle_alpha   90.000
_cell.angle_beta   90.000
_cell.angle_gamma   90.000
#
_symmetry.space_group_name_H-M   'P 21 21 21'
#
loop_
_entity.id
_entity.type
_entity.pdbx_description
1 polymer 'Tyrosine-protein kinase JAK1'
2 non-polymer 1-[(3~{R},4~{R})-4-(cyanomethyl)-3-fluoranyl-1-[(4-phenylphenyl)methyl]piperidin-4-yl]-3-(cyclopropylcarbonylamino)pyrazole-4-carboxamide
3 water water
#
_entity_poly.entity_id   1
_entity_poly.type   'polypeptide(L)'
_entity_poly.pdbx_seq_one_letter_code
;GDIVSEKKPATEVDPTHFEKRFLKRIRDLGEGHFGKVELCRYDPEGDNTGEQVAVKSLKPESGGNHIADLKKEIEILRNL
YHENIVKYKGICTEDGGNGIKLIMEFLPSGSLKEYLPKNKNKINLKQQLKYAVQICKGMDYLGSRQYVHRDLAARNVLVE
SEHQVKIGDFGLTKAIETDKE(PTR)(PTR)TVKDDRDSPVFWYAPECLMQSKFYIASDVWSFGVTLHELLTYCDSDSSP
MALFLKMIGPTHGQMTVTRLVNTLKEGKRLPCPPNCPDEVYQLMRKCWEFQPSNRTSFQNLIEGFEALLK
;
_entity_poly.pdbx_strand_id   A,B
#
# COMPACT_ATOMS: atom_id res chain seq x y z
N VAL A 13 18.16 -12.85 46.66
CA VAL A 13 17.19 -13.47 45.69
C VAL A 13 16.31 -12.35 45.11
N ASP A 14 16.46 -12.05 43.82
CA ASP A 14 15.64 -11.00 43.17
C ASP A 14 14.42 -11.73 42.61
N PRO A 15 13.20 -11.45 43.09
CA PRO A 15 12.00 -12.15 42.65
C PRO A 15 11.59 -11.80 41.21
N THR A 16 12.18 -10.75 40.60
CA THR A 16 11.94 -10.36 39.18
C THR A 16 13.03 -10.98 38.28
N HIS A 17 13.90 -11.81 38.84
CA HIS A 17 14.93 -12.53 38.07
C HIS A 17 14.49 -13.97 37.83
N PHE A 18 14.24 -14.34 36.59
CA PHE A 18 13.84 -15.71 36.18
C PHE A 18 15.04 -16.35 35.51
N GLU A 19 15.53 -17.47 36.06
CA GLU A 19 16.68 -18.21 35.53
C GLU A 19 16.20 -19.05 34.36
N LYS A 20 16.86 -18.94 33.21
CA LYS A 20 16.59 -19.76 32.00
C LYS A 20 16.45 -21.25 32.35
N ARG A 21 17.25 -21.80 33.27
CA ARG A 21 17.23 -23.27 33.42
C ARG A 21 15.90 -23.72 33.99
N PHE A 22 15.10 -22.82 34.57
CA PHE A 22 13.83 -23.18 35.25
C PHE A 22 12.61 -22.73 34.45
N LEU A 23 12.84 -22.10 33.31
CA LEU A 23 11.73 -21.49 32.51
C LEU A 23 11.34 -22.48 31.41
N LYS A 24 10.36 -23.32 31.65
CA LYS A 24 10.06 -24.46 30.75
C LYS A 24 9.02 -23.98 29.73
N ARG A 25 9.39 -23.96 28.44
CA ARG A 25 8.50 -23.52 27.33
C ARG A 25 7.32 -24.52 27.23
N ILE A 26 6.06 -24.03 27.17
CA ILE A 26 4.87 -24.92 26.95
C ILE A 26 4.37 -24.74 25.51
N ARG A 27 3.84 -23.57 25.12
CA ARG A 27 3.37 -23.35 23.73
C ARG A 27 3.35 -21.87 23.37
N ASP A 28 3.17 -21.59 22.08
CA ASP A 28 3.08 -20.22 21.54
C ASP A 28 1.71 -19.65 21.88
N LEU A 29 1.69 -18.43 22.40
CA LEU A 29 0.41 -17.67 22.56
C LEU A 29 0.23 -16.74 21.34
N GLY A 30 1.30 -16.16 20.82
CA GLY A 30 1.22 -15.24 19.68
C GLY A 30 2.58 -15.06 19.05
N GLU A 31 2.54 -14.54 17.83
CA GLU A 31 3.73 -14.28 16.99
C GLU A 31 3.54 -12.95 16.24
N GLY A 32 4.64 -12.22 16.06
CA GLY A 32 4.78 -11.10 15.12
C GLY A 32 5.92 -11.37 14.16
N HIS A 33 6.28 -10.42 13.30
CA HIS A 33 7.39 -10.59 12.34
C HIS A 33 8.68 -10.92 13.12
N PHE A 34 8.92 -10.32 14.28
CA PHE A 34 10.29 -10.31 14.86
C PHE A 34 10.36 -11.08 16.18
N GLY A 35 9.22 -11.53 16.68
CA GLY A 35 9.23 -12.15 18.02
C GLY A 35 7.98 -12.93 18.32
N LYS A 36 7.93 -13.47 19.51
CA LYS A 36 6.72 -14.22 19.93
C LYS A 36 6.43 -13.98 21.40
N VAL A 37 5.19 -14.33 21.80
CA VAL A 37 4.85 -14.51 23.20
C VAL A 37 4.51 -15.99 23.39
N GLU A 38 5.10 -16.61 24.41
CA GLU A 38 5.01 -18.06 24.74
C GLU A 38 4.50 -18.28 26.14
N LEU A 39 3.69 -19.33 26.30
CA LEU A 39 3.29 -19.84 27.64
C LEU A 39 4.42 -20.72 28.16
N CYS A 40 5.02 -20.32 29.28
CA CYS A 40 6.05 -21.06 30.02
C CYS A 40 5.58 -21.34 31.46
N ARG A 41 6.18 -22.34 32.09
CA ARG A 41 6.06 -22.61 33.53
C ARG A 41 7.45 -22.32 34.13
N TYR A 42 7.50 -21.44 35.12
CA TYR A 42 8.72 -21.17 35.90
C TYR A 42 8.74 -22.19 37.04
N ASP A 43 9.61 -23.22 36.96
CA ASP A 43 9.45 -24.42 37.80
C ASP A 43 10.74 -24.73 38.51
N PRO A 44 11.18 -23.86 39.44
CA PRO A 44 12.46 -24.11 40.14
C PRO A 44 12.49 -25.44 40.91
N GLU A 45 11.34 -25.94 41.34
CA GLU A 45 11.32 -27.18 42.15
C GLU A 45 11.29 -28.41 41.25
N GLY A 46 11.05 -28.24 39.96
CA GLY A 46 11.13 -29.33 38.96
C GLY A 46 10.01 -30.34 39.09
N ASP A 47 8.89 -30.02 39.72
CA ASP A 47 7.80 -31.00 39.90
C ASP A 47 6.52 -30.48 39.24
N ASN A 48 6.60 -29.50 38.32
CA ASN A 48 5.45 -28.92 37.57
C ASN A 48 4.45 -28.20 38.49
N THR A 49 4.84 -27.73 39.69
CA THR A 49 3.96 -26.91 40.58
C THR A 49 4.26 -25.41 40.47
N GLY A 50 5.25 -25.01 39.69
CA GLY A 50 5.60 -23.60 39.52
C GLY A 50 4.51 -22.79 38.80
N GLU A 51 4.65 -21.50 38.74
CA GLU A 51 3.60 -20.62 38.14
C GLU A 51 3.71 -20.61 36.60
N GLN A 52 2.57 -20.56 35.94
CA GLN A 52 2.53 -20.24 34.51
C GLN A 52 2.79 -18.74 34.26
N VAL A 53 3.56 -18.41 33.22
CA VAL A 53 3.88 -17.00 32.82
C VAL A 53 3.85 -16.85 31.30
N ALA A 54 3.60 -15.63 30.84
CA ALA A 54 3.65 -15.31 29.40
C ALA A 54 5.02 -14.66 29.18
N VAL A 55 5.71 -15.11 28.17
CA VAL A 55 7.13 -14.74 27.91
C VAL A 55 7.27 -14.17 26.49
N LYS A 56 7.59 -12.87 26.41
CA LYS A 56 7.90 -12.15 25.18
C LYS A 56 9.41 -12.28 24.91
N SER A 57 9.73 -12.72 23.71
CA SER A 57 11.12 -12.68 23.17
C SER A 57 11.22 -12.57 21.66
N LEU A 58 12.43 -12.29 21.21
CA LEU A 58 12.83 -12.08 19.80
C LEU A 58 13.09 -13.42 19.16
N LYS A 59 12.72 -13.56 17.90
CA LYS A 59 13.24 -14.66 17.02
C LYS A 59 14.73 -14.39 16.83
N PRO A 60 15.56 -15.45 16.75
CA PRO A 60 17.02 -15.32 16.51
C PRO A 60 17.53 -14.23 15.55
N GLU A 61 16.79 -13.96 14.47
CA GLU A 61 16.89 -12.80 13.50
C GLU A 61 17.49 -11.52 14.13
N SER A 62 16.63 -10.60 14.66
CA SER A 62 16.94 -9.24 15.23
C SER A 62 17.58 -8.30 14.20
N GLY A 63 18.04 -7.10 14.59
CA GLY A 63 18.79 -6.19 13.69
C GLY A 63 18.52 -4.70 13.93
N GLY A 64 17.71 -4.06 13.06
CA GLY A 64 17.27 -2.64 13.10
C GLY A 64 16.38 -2.36 14.32
N ASN A 65 17.02 -1.93 15.41
CA ASN A 65 17.28 -2.83 16.57
C ASN A 65 16.00 -3.17 17.33
N HIS A 66 15.59 -4.39 17.04
CA HIS A 66 14.55 -5.16 17.76
C HIS A 66 14.98 -5.26 19.22
N ILE A 67 16.24 -5.60 19.51
CA ILE A 67 16.72 -5.79 20.93
C ILE A 67 16.56 -4.47 21.70
N ALA A 68 17.05 -3.36 21.15
CA ALA A 68 16.90 -2.03 21.79
C ALA A 68 15.40 -1.75 22.06
N ASP A 69 14.55 -2.02 21.10
CA ASP A 69 13.10 -1.69 21.25
C ASP A 69 12.50 -2.60 22.31
N LEU A 70 12.90 -3.89 22.32
CA LEU A 70 12.33 -4.81 23.33
C LEU A 70 12.79 -4.37 24.74
N LYS A 71 14.04 -3.94 24.90
CA LYS A 71 14.49 -3.44 26.22
C LYS A 71 13.70 -2.19 26.62
N LYS A 72 13.29 -1.32 25.67
CA LYS A 72 12.43 -0.12 25.95
C LYS A 72 11.06 -0.58 26.38
N GLU A 73 10.56 -1.60 25.70
CA GLU A 73 9.21 -2.15 26.04
C GLU A 73 9.23 -2.59 27.49
N ILE A 74 10.26 -3.34 27.88
CA ILE A 74 10.40 -3.89 29.23
C ILE A 74 10.44 -2.72 30.22
N GLU A 75 11.19 -1.65 29.93
CA GLU A 75 11.28 -0.51 30.88
C GLU A 75 9.94 0.22 30.93
N ILE A 76 9.15 0.25 29.84
CA ILE A 76 7.83 0.89 29.90
C ILE A 76 6.94 0.08 30.85
N LEU A 77 6.82 -1.20 30.62
CA LEU A 77 5.83 -2.02 31.36
C LEU A 77 6.26 -2.20 32.82
N ARG A 78 7.55 -2.34 33.08
CA ARG A 78 8.05 -2.52 34.48
C ARG A 78 7.50 -1.38 35.36
N ASN A 79 7.32 -0.18 34.79
CA ASN A 79 7.02 1.05 35.55
C ASN A 79 5.58 1.47 35.33
N LEU A 80 4.72 0.62 34.74
CA LEU A 80 3.29 0.87 34.72
C LEU A 80 2.63 0.01 35.82
N TYR A 81 1.71 0.63 36.59
CA TYR A 81 0.99 -0.02 37.72
C TYR A 81 -0.45 0.42 37.62
N HIS A 82 -1.29 -0.39 37.01
CA HIS A 82 -2.72 -0.02 36.95
C HIS A 82 -3.52 -1.30 36.93
N GLU A 83 -4.70 -1.36 37.53
CA GLU A 83 -5.40 -2.66 37.57
C GLU A 83 -5.81 -3.08 36.17
N ASN A 84 -5.88 -2.20 35.18
CA ASN A 84 -6.28 -2.54 33.78
C ASN A 84 -5.10 -2.56 32.80
N ILE A 85 -3.91 -2.82 33.33
CA ILE A 85 -2.65 -3.05 32.56
C ILE A 85 -1.98 -4.34 33.07
N VAL A 86 -1.64 -5.24 32.13
CA VAL A 86 -1.13 -6.61 32.48
C VAL A 86 0.11 -6.37 33.36
N LYS A 87 0.32 -7.27 34.29
CA LYS A 87 1.42 -7.20 35.30
C LYS A 87 2.76 -7.67 34.72
N TYR A 88 3.75 -6.80 34.81
CA TYR A 88 5.19 -7.17 34.71
C TYR A 88 5.51 -8.11 35.89
N LYS A 89 6.20 -9.22 35.60
CA LYS A 89 6.78 -10.14 36.60
C LYS A 89 8.31 -10.04 36.66
N GLY A 90 8.96 -9.81 35.57
CA GLY A 90 10.44 -9.87 35.55
C GLY A 90 11.07 -10.04 34.21
N ILE A 91 12.34 -10.42 34.22
CA ILE A 91 13.09 -10.69 32.98
C ILE A 91 13.93 -11.95 33.12
N CYS A 92 14.26 -12.52 31.97
CA CYS A 92 15.22 -13.63 31.83
C CYS A 92 16.36 -13.18 30.89
N THR A 93 17.62 -13.11 31.33
CA THR A 93 18.75 -12.61 30.47
C THR A 93 19.66 -13.77 30.11
N GLU A 94 20.04 -13.83 28.83
CA GLU A 94 20.57 -15.03 28.11
C GLU A 94 20.67 -14.70 26.62
N GLY A 99 20.16 -11.97 24.82
CA GLY A 99 18.80 -12.20 24.29
C GLY A 99 17.72 -12.22 25.39
N ILE A 100 17.26 -11.03 25.80
CA ILE A 100 16.47 -10.81 27.04
C ILE A 100 15.05 -11.26 26.75
N LYS A 101 14.35 -11.63 27.80
CA LYS A 101 12.92 -12.06 27.72
C LYS A 101 12.12 -11.27 28.76
N LEU A 102 10.92 -10.85 28.37
CA LEU A 102 9.96 -10.10 29.19
C LEU A 102 8.96 -11.12 29.78
N ILE A 103 8.95 -11.26 31.09
CA ILE A 103 8.08 -12.23 31.83
C ILE A 103 6.84 -11.42 32.30
N MET A 104 5.63 -11.90 31.97
CA MET A 104 4.39 -11.23 32.39
C MET A 104 3.47 -12.22 33.04
N GLU A 105 2.42 -11.75 33.72
CA GLU A 105 1.44 -12.71 34.27
C GLU A 105 0.79 -13.36 33.03
N PHE A 106 0.26 -14.55 33.19
CA PHE A 106 -0.51 -15.29 32.17
C PHE A 106 -1.97 -15.18 32.55
N LEU A 107 -2.79 -14.79 31.61
CA LEU A 107 -4.27 -14.70 31.78
C LEU A 107 -4.89 -15.79 30.92
N PRO A 108 -5.32 -16.92 31.53
CA PRO A 108 -5.78 -18.05 30.75
C PRO A 108 -7.00 -17.81 29.85
N SER A 109 -7.77 -16.77 30.12
CA SER A 109 -8.97 -16.42 29.30
C SER A 109 -8.58 -15.81 27.97
N GLY A 110 -7.32 -15.37 27.83
CA GLY A 110 -6.83 -14.74 26.61
C GLY A 110 -7.47 -13.38 26.30
N SER A 111 -7.44 -13.05 25.02
CA SER A 111 -7.86 -11.71 24.57
C SER A 111 -9.39 -11.74 24.42
N LEU A 112 -9.95 -10.55 24.23
CA LEU A 112 -11.40 -10.42 23.87
C LEU A 112 -11.66 -11.18 22.56
N LYS A 113 -10.67 -11.27 21.68
CA LYS A 113 -10.83 -12.00 20.40
C LYS A 113 -11.08 -13.50 20.70
N GLU A 114 -10.44 -14.08 21.73
N GLU A 114 -10.41 -14.06 21.72
CA GLU A 114 -10.68 -15.53 22.07
CA GLU A 114 -10.61 -15.49 22.13
C GLU A 114 -11.92 -15.65 22.96
C GLU A 114 -11.92 -15.61 22.93
N TYR A 115 -12.15 -14.72 23.86
CA TYR A 115 -13.10 -14.90 24.97
C TYR A 115 -14.51 -14.49 24.54
N LEU A 116 -14.68 -13.38 23.84
CA LEU A 116 -16.08 -12.90 23.62
C LEU A 116 -16.87 -13.90 22.77
N PRO A 117 -16.34 -14.46 21.67
CA PRO A 117 -17.18 -15.36 20.85
C PRO A 117 -17.67 -16.59 21.63
N LYS A 118 -16.93 -17.01 22.66
CA LYS A 118 -17.29 -18.13 23.53
C LYS A 118 -18.22 -17.73 24.68
N ASN A 119 -18.45 -16.45 24.95
CA ASN A 119 -19.11 -16.06 26.21
C ASN A 119 -20.21 -15.04 25.97
N LYS A 120 -20.80 -15.03 24.75
CA LYS A 120 -21.86 -14.07 24.34
C LYS A 120 -22.98 -14.10 25.41
N ASN A 121 -23.38 -15.29 25.85
CA ASN A 121 -24.55 -15.50 26.73
C ASN A 121 -24.31 -14.88 28.10
N LYS A 122 -23.06 -14.79 28.51
CA LYS A 122 -22.65 -14.35 29.87
C LYS A 122 -22.36 -12.81 29.86
N ILE A 123 -21.96 -12.24 28.72
CA ILE A 123 -21.47 -10.83 28.58
C ILE A 123 -22.56 -10.03 27.86
N ASN A 124 -23.35 -9.28 28.59
CA ASN A 124 -24.43 -8.44 28.07
C ASN A 124 -23.93 -6.99 27.86
N LEU A 125 -24.80 -6.06 27.47
CA LEU A 125 -24.33 -4.69 27.14
C LEU A 125 -23.76 -4.04 28.43
N LYS A 126 -24.39 -4.27 29.59
CA LYS A 126 -23.87 -3.65 30.84
C LYS A 126 -22.40 -4.09 31.04
N GLN A 127 -22.14 -5.38 30.88
CA GLN A 127 -20.74 -5.87 31.04
C GLN A 127 -19.86 -5.29 29.92
N GLN A 128 -20.34 -5.23 28.66
CA GLN A 128 -19.56 -4.61 27.57
C GLN A 128 -19.21 -3.16 27.99
N LEU A 129 -20.14 -2.37 28.49
CA LEU A 129 -19.82 -0.96 28.83
C LEU A 129 -18.79 -0.92 29.97
N LYS A 130 -18.87 -1.80 30.95
CA LYS A 130 -17.87 -1.84 32.06
C LYS A 130 -16.49 -2.13 31.48
N TYR A 131 -16.42 -3.04 30.51
CA TYR A 131 -15.10 -3.33 29.89
C TYR A 131 -14.61 -2.07 29.13
N ALA A 132 -15.51 -1.35 28.48
CA ALA A 132 -15.17 -0.12 27.74
C ALA A 132 -14.53 0.85 28.76
N VAL A 133 -15.18 1.05 29.88
CA VAL A 133 -14.72 1.94 30.97
C VAL A 133 -13.31 1.53 31.39
N GLN A 134 -13.11 0.24 31.59
CA GLN A 134 -11.81 -0.26 32.13
C GLN A 134 -10.69 -0.07 31.10
N ILE A 135 -10.94 -0.36 29.81
CA ILE A 135 -9.95 -0.01 28.73
C ILE A 135 -9.65 1.51 28.80
N CYS A 136 -10.65 2.37 28.83
CA CYS A 136 -10.47 3.84 28.83
C CYS A 136 -9.63 4.23 30.07
N LYS A 137 -9.85 3.62 31.22
CA LYS A 137 -9.05 4.01 32.43
C LYS A 137 -7.60 3.56 32.24
N GLY A 138 -7.40 2.39 31.68
CA GLY A 138 -6.05 1.93 31.31
C GLY A 138 -5.37 2.91 30.39
N MET A 139 -6.09 3.30 29.35
CA MET A 139 -5.53 4.18 28.30
C MET A 139 -5.23 5.57 28.87
N ASP A 140 -6.09 6.09 29.72
CA ASP A 140 -5.98 7.42 30.31
C ASP A 140 -4.74 7.40 31.20
N TYR A 141 -4.52 6.31 31.90
CA TYR A 141 -3.29 6.16 32.73
C TYR A 141 -2.06 6.18 31.85
N LEU A 142 -2.05 5.48 30.72
CA LEU A 142 -0.89 5.49 29.77
C LEU A 142 -0.68 6.91 29.23
N GLY A 143 -1.73 7.59 28.73
CA GLY A 143 -1.60 9.00 28.32
C GLY A 143 -1.15 9.96 29.44
N SER A 144 -1.53 9.71 30.69
CA SER A 144 -1.05 10.52 31.86
C SER A 144 0.49 10.43 32.03
N ARG A 145 1.07 9.27 31.67
CA ARG A 145 2.53 8.96 31.68
C ARG A 145 3.18 9.30 30.34
N GLN A 146 2.49 10.09 29.51
CA GLN A 146 3.02 10.71 28.25
C GLN A 146 3.35 9.60 27.24
N TYR A 147 2.53 8.52 27.15
CA TYR A 147 2.77 7.45 26.15
C TYR A 147 1.61 7.40 25.15
N VAL A 148 1.95 7.04 23.93
CA VAL A 148 1.01 6.73 22.82
C VAL A 148 1.17 5.21 22.54
N HIS A 149 0.05 4.47 22.59
CA HIS A 149 0.04 3.02 22.50
C HIS A 149 0.23 2.55 21.05
N ARG A 150 -0.50 3.12 20.08
CA ARG A 150 -0.40 2.81 18.64
C ARG A 150 -0.78 1.37 18.26
N ASP A 151 -1.45 0.57 19.10
CA ASP A 151 -1.86 -0.81 18.72
C ASP A 151 -3.06 -1.25 19.56
N LEU A 152 -3.92 -0.31 19.92
CA LEU A 152 -5.10 -0.67 20.76
C LEU A 152 -6.11 -1.42 19.87
N ALA A 153 -6.28 -2.70 20.13
CA ALA A 153 -7.21 -3.57 19.39
C ALA A 153 -7.69 -4.64 20.36
N ALA A 154 -8.87 -5.21 20.13
CA ALA A 154 -9.37 -6.32 20.95
C ALA A 154 -8.38 -7.48 21.13
N ARG A 155 -7.52 -7.81 20.18
CA ARG A 155 -6.49 -8.88 20.30
C ARG A 155 -5.46 -8.52 21.41
N ASN A 156 -5.40 -7.25 21.81
CA ASN A 156 -4.42 -6.73 22.86
C ASN A 156 -5.11 -6.38 24.18
N VAL A 157 -6.38 -6.79 24.37
CA VAL A 157 -7.15 -6.59 25.59
C VAL A 157 -7.44 -7.97 26.18
N LEU A 158 -6.78 -8.23 27.29
CA LEU A 158 -6.83 -9.55 27.92
C LEU A 158 -7.97 -9.58 28.95
N VAL A 159 -8.52 -10.74 29.15
CA VAL A 159 -9.63 -11.00 30.11
C VAL A 159 -9.03 -11.60 31.37
N GLU A 160 -9.06 -10.84 32.46
CA GLU A 160 -8.65 -11.33 33.81
C GLU A 160 -9.73 -12.31 34.33
N SER A 161 -10.97 -11.85 34.23
CA SER A 161 -12.19 -12.46 34.83
C SER A 161 -13.39 -11.95 34.02
N GLU A 162 -14.53 -12.59 34.19
CA GLU A 162 -15.74 -12.03 33.58
C GLU A 162 -15.86 -10.55 33.96
N HIS A 163 -15.33 -10.09 35.08
CA HIS A 163 -15.54 -8.69 35.56
C HIS A 163 -14.36 -7.73 35.24
N GLN A 164 -13.27 -8.16 34.59
CA GLN A 164 -12.08 -7.28 34.55
C GLN A 164 -11.24 -7.59 33.31
N VAL A 165 -10.87 -6.55 32.56
CA VAL A 165 -9.92 -6.63 31.40
C VAL A 165 -8.65 -5.81 31.65
N LYS A 166 -7.61 -6.22 30.96
CA LYS A 166 -6.31 -5.49 31.06
C LYS A 166 -5.68 -5.37 29.68
N ILE A 167 -5.09 -4.20 29.42
CA ILE A 167 -4.33 -3.98 28.18
C ILE A 167 -3.08 -4.85 28.28
N GLY A 168 -2.86 -5.80 27.33
CA GLY A 168 -1.88 -6.93 27.51
C GLY A 168 -0.66 -6.91 26.63
N ASP A 169 -0.43 -5.87 25.83
CA ASP A 169 0.74 -5.80 24.92
C ASP A 169 1.08 -4.33 24.71
N PHE A 170 2.39 -4.03 24.74
CA PHE A 170 2.95 -2.67 24.62
C PHE A 170 4.06 -2.63 23.57
N GLY A 171 4.04 -3.50 22.56
CA GLY A 171 5.11 -3.64 21.56
C GLY A 171 5.30 -2.44 20.65
N LEU A 172 4.31 -1.56 20.49
CA LEU A 172 4.41 -0.34 19.67
C LEU A 172 4.43 0.92 20.55
N THR A 173 4.37 0.83 21.88
CA THR A 173 4.16 2.00 22.75
C THR A 173 5.37 2.94 22.59
N LYS A 174 5.07 4.24 22.57
CA LYS A 174 6.12 5.30 22.45
C LYS A 174 5.84 6.43 23.41
N ALA A 175 6.93 7.07 23.85
CA ALA A 175 6.95 8.28 24.68
C ALA A 175 6.71 9.48 23.76
N ILE A 176 5.74 10.34 24.05
CA ILE A 176 5.66 11.68 23.42
C ILE A 176 6.63 12.57 24.18
N GLU A 177 7.51 13.22 23.46
CA GLU A 177 8.47 14.14 24.12
C GLU A 177 7.68 15.22 24.89
N THR A 178 8.21 15.66 26.04
CA THR A 178 7.73 16.85 26.82
C THR A 178 7.59 18.03 25.83
N ASP A 179 6.49 18.78 25.94
CA ASP A 179 6.19 20.02 25.18
C ASP A 179 5.76 19.69 23.74
N LYS A 180 5.49 18.41 23.44
CA LYS A 180 5.18 17.93 22.07
C LYS A 180 3.82 17.23 22.12
N GLU A 181 3.04 17.21 21.04
CA GLU A 181 1.68 16.60 21.03
C GLU A 181 1.67 15.20 20.40
N THR A 184 6.29 10.89 15.74
CA THR A 184 6.28 10.47 14.33
C THR A 184 6.94 9.10 14.17
N VAL A 185 6.37 8.14 13.43
CA VAL A 185 7.03 6.79 13.28
C VAL A 185 7.59 6.59 11.86
N LYS A 186 8.63 5.76 11.74
CA LYS A 186 9.35 5.46 10.48
C LYS A 186 9.12 3.99 10.10
N ASP A 187 9.25 3.03 11.02
CA ASP A 187 8.99 1.60 10.70
C ASP A 187 7.50 1.37 10.86
N ASP A 188 6.78 1.44 9.72
CA ASP A 188 5.30 1.39 9.52
C ASP A 188 4.92 0.19 8.63
N ARG A 189 5.94 -0.54 8.19
CA ARG A 189 5.85 -1.97 7.87
C ARG A 189 5.16 -2.65 9.08
N ASP A 190 4.00 -3.22 8.78
CA ASP A 190 3.17 -4.05 9.69
C ASP A 190 2.24 -3.17 10.50
N SER A 191 1.76 -2.03 9.99
CA SER A 191 0.77 -1.14 10.66
C SER A 191 -0.63 -1.78 10.61
N PRO A 192 -1.39 -1.77 11.74
CA PRO A 192 -2.80 -2.23 11.77
C PRO A 192 -3.69 -1.13 11.19
N VAL A 193 -3.67 -1.02 9.88
CA VAL A 193 -4.21 0.18 9.17
C VAL A 193 -5.72 0.32 9.46
N PHE A 194 -6.44 -0.77 9.75
CA PHE A 194 -7.92 -0.69 9.90
C PHE A 194 -8.29 -0.15 11.30
N TRP A 195 -7.28 0.05 12.16
CA TRP A 195 -7.43 0.65 13.50
C TRP A 195 -6.89 2.09 13.53
N TYR A 196 -6.24 2.53 12.45
CA TYR A 196 -5.50 3.82 12.45
C TYR A 196 -6.33 5.00 11.99
N ALA A 197 -6.13 6.09 12.73
CA ALA A 197 -6.59 7.45 12.40
C ALA A 197 -5.92 8.04 11.14
N PRO A 198 -6.67 8.90 10.42
CA PRO A 198 -6.22 9.59 9.23
C PRO A 198 -4.81 10.17 9.36
N GLU A 199 -4.50 10.83 10.48
CA GLU A 199 -3.17 11.52 10.65
C GLU A 199 -2.06 10.47 10.75
N CYS A 200 -2.43 9.22 11.09
CA CYS A 200 -1.51 8.07 11.22
C CYS A 200 -1.25 7.49 9.83
N LEU A 201 -2.28 7.30 9.03
CA LEU A 201 -2.17 6.68 7.67
C LEU A 201 -1.53 7.66 6.69
N MET A 202 -1.80 8.95 6.87
CA MET A 202 -1.41 10.00 5.91
C MET A 202 0.01 10.50 6.23
N GLN A 203 0.39 10.68 7.50
CA GLN A 203 1.65 11.35 7.91
C GLN A 203 2.40 10.67 9.07
N SER A 204 2.00 9.46 9.47
CA SER A 204 2.71 8.60 10.45
C SER A 204 3.01 9.38 11.74
N LYS A 205 2.10 10.31 12.07
CA LYS A 205 2.02 11.07 13.33
C LYS A 205 0.98 10.45 14.24
N PHE A 206 1.35 10.24 15.51
CA PHE A 206 0.55 9.50 16.51
C PHE A 206 0.41 10.36 17.76
N TYR A 207 -0.84 10.81 17.98
CA TYR A 207 -1.31 11.68 19.07
C TYR A 207 -2.05 10.82 20.09
N ILE A 208 -2.29 11.38 21.28
CA ILE A 208 -3.15 10.71 22.28
C ILE A 208 -4.52 10.48 21.60
N ALA A 209 -4.96 11.46 20.85
CA ALA A 209 -6.27 11.42 20.15
C ALA A 209 -6.25 10.36 19.05
N SER A 210 -5.07 9.91 18.60
CA SER A 210 -4.97 8.75 17.68
C SER A 210 -5.38 7.47 18.43
N ASP A 211 -4.95 7.30 19.69
CA ASP A 211 -5.36 6.14 20.51
C ASP A 211 -6.87 6.22 20.79
N VAL A 212 -7.46 7.41 20.87
CA VAL A 212 -8.94 7.57 21.00
C VAL A 212 -9.63 6.93 19.78
N TRP A 213 -9.13 7.19 18.57
CA TRP A 213 -9.70 6.68 17.29
C TRP A 213 -9.59 5.15 17.37
N SER A 214 -8.42 4.60 17.74
CA SER A 214 -8.22 3.14 17.85
C SER A 214 -9.19 2.53 18.89
N PHE A 215 -9.41 3.21 20.01
CA PHE A 215 -10.41 2.82 21.02
C PHE A 215 -11.80 2.70 20.41
N GLY A 216 -12.16 3.67 19.63
CA GLY A 216 -13.50 3.58 18.96
C GLY A 216 -13.63 2.25 18.19
N VAL A 217 -12.56 1.84 17.47
CA VAL A 217 -12.56 0.62 16.59
C VAL A 217 -12.61 -0.58 17.52
N THR A 218 -11.88 -0.50 18.63
CA THR A 218 -11.84 -1.54 19.65
C THR A 218 -13.23 -1.69 20.30
N LEU A 219 -13.94 -0.58 20.54
CA LEU A 219 -15.33 -0.63 21.05
C LEU A 219 -16.22 -1.35 20.04
N HIS A 220 -16.14 -0.93 18.79
CA HIS A 220 -16.92 -1.61 17.70
C HIS A 220 -16.69 -3.14 17.81
N GLU A 221 -15.43 -3.58 17.95
CA GLU A 221 -15.07 -5.02 18.07
C GLU A 221 -15.77 -5.65 19.26
N LEU A 222 -15.71 -4.98 20.42
CA LEU A 222 -16.31 -5.52 21.65
C LEU A 222 -17.84 -5.65 21.47
N LEU A 223 -18.47 -4.68 20.80
CA LEU A 223 -19.96 -4.70 20.64
C LEU A 223 -20.33 -5.80 19.64
N THR A 224 -19.40 -6.26 18.79
CA THR A 224 -19.66 -7.34 17.78
C THR A 224 -19.16 -8.71 18.31
N TYR A 225 -18.75 -8.76 19.57
CA TYR A 225 -18.22 -9.95 20.26
C TYR A 225 -17.06 -10.54 19.44
N CYS A 226 -16.31 -9.66 18.78
CA CYS A 226 -15.11 -10.00 18.00
C CYS A 226 -15.42 -11.03 16.92
N ASP A 227 -16.60 -11.01 16.32
CA ASP A 227 -16.83 -12.00 15.26
C ASP A 227 -16.03 -11.62 14.03
N SER A 228 -15.43 -12.62 13.39
CA SER A 228 -14.47 -12.40 12.29
C SER A 228 -15.18 -11.81 11.06
N ASP A 229 -16.46 -12.17 10.79
CA ASP A 229 -17.20 -11.63 9.63
C ASP A 229 -17.63 -10.18 9.91
N SER A 230 -17.44 -9.65 11.13
CA SER A 230 -17.80 -8.24 11.43
C SER A 230 -16.58 -7.44 11.87
N SER A 231 -15.38 -7.98 11.67
CA SER A 231 -14.11 -7.31 12.05
C SER A 231 -13.96 -6.01 11.26
N PRO A 232 -13.25 -5.02 11.86
CA PRO A 232 -12.91 -3.77 11.16
C PRO A 232 -12.26 -4.03 9.79
N MET A 233 -11.37 -5.00 9.68
CA MET A 233 -10.78 -5.34 8.36
C MET A 233 -11.87 -5.87 7.41
N ALA A 234 -12.61 -6.88 7.85
CA ALA A 234 -13.69 -7.46 6.99
C ALA A 234 -14.64 -6.35 6.56
N LEU A 235 -15.02 -5.40 7.42
CA LEU A 235 -16.09 -4.43 7.03
C LEU A 235 -15.53 -3.30 6.17
N PHE A 236 -14.33 -2.81 6.47
CA PHE A 236 -13.67 -1.79 5.60
C PHE A 236 -13.41 -2.32 4.19
N LEU A 237 -12.94 -3.55 4.08
CA LEU A 237 -12.62 -4.16 2.76
C LEU A 237 -13.91 -4.28 1.96
N LYS A 238 -15.05 -4.51 2.63
CA LYS A 238 -16.34 -4.62 1.92
C LYS A 238 -16.70 -3.22 1.42
N MET A 239 -16.42 -2.16 2.19
CA MET A 239 -16.68 -0.76 1.74
C MET A 239 -15.78 -0.43 0.55
N ILE A 240 -14.47 -0.68 0.64
CA ILE A 240 -13.52 -0.11 -0.38
C ILE A 240 -13.21 -1.11 -1.52
N GLY A 241 -13.29 -2.43 -1.26
CA GLY A 241 -12.89 -3.51 -2.18
C GLY A 241 -11.87 -4.46 -1.54
N PRO A 242 -12.08 -5.81 -1.56
CA PRO A 242 -11.07 -6.77 -1.07
C PRO A 242 -9.87 -6.93 -2.03
N THR A 243 -10.01 -6.36 -3.22
CA THR A 243 -8.94 -6.32 -4.24
C THR A 243 -7.89 -5.30 -3.73
N HIS A 244 -7.18 -4.63 -4.64
CA HIS A 244 -6.55 -3.28 -4.50
C HIS A 244 -5.07 -3.41 -4.08
N GLY A 245 -4.68 -4.46 -3.35
CA GLY A 245 -3.31 -4.65 -2.80
C GLY A 245 -2.71 -3.35 -2.29
N GLN A 246 -1.55 -2.94 -2.87
CA GLN A 246 -0.72 -1.74 -2.52
C GLN A 246 -1.53 -0.42 -2.50
N MET A 247 -2.73 -0.39 -3.07
CA MET A 247 -3.59 0.83 -3.09
C MET A 247 -4.63 0.79 -1.96
N THR A 248 -4.62 -0.26 -1.13
CA THR A 248 -5.68 -0.49 -0.11
C THR A 248 -5.73 0.73 0.82
N VAL A 249 -4.58 1.10 1.41
CA VAL A 249 -4.50 2.25 2.35
C VAL A 249 -4.99 3.55 1.72
N THR A 250 -4.64 3.92 0.47
CA THR A 250 -5.03 5.25 -0.10
C THR A 250 -6.56 5.28 -0.38
N ARG A 251 -7.08 4.10 -0.76
CA ARG A 251 -8.57 3.87 -0.83
C ARG A 251 -9.23 4.04 0.55
N LEU A 252 -8.65 3.47 1.61
CA LEU A 252 -9.16 3.62 3.00
C LEU A 252 -9.17 5.11 3.40
N VAL A 253 -8.08 5.85 3.17
CA VAL A 253 -7.96 7.30 3.51
C VAL A 253 -9.03 8.08 2.76
N ASN A 254 -9.21 7.73 1.50
CA ASN A 254 -10.27 8.27 0.63
C ASN A 254 -11.65 8.03 1.29
N THR A 255 -11.96 6.79 1.66
CA THR A 255 -13.24 6.42 2.31
C THR A 255 -13.44 7.30 3.54
N LEU A 256 -12.45 7.35 4.44
CA LEU A 256 -12.51 8.17 5.67
C LEU A 256 -12.68 9.64 5.33
N LYS A 257 -11.98 10.17 4.30
CA LYS A 257 -12.07 11.62 3.91
C LYS A 257 -13.53 11.96 3.58
N GLU A 258 -14.19 11.05 2.87
CA GLU A 258 -15.59 11.20 2.37
C GLU A 258 -16.58 11.03 3.52
N GLY A 259 -16.14 10.57 4.70
CA GLY A 259 -16.92 10.67 5.96
C GLY A 259 -17.55 9.36 6.39
N LYS A 260 -17.30 8.28 5.66
CA LYS A 260 -17.78 6.90 5.91
C LYS A 260 -17.04 6.33 7.14
N ARG A 261 -17.79 5.57 7.94
CA ARG A 261 -17.28 4.95 9.18
C ARG A 261 -17.88 3.55 9.28
N LEU A 262 -17.35 2.77 10.20
CA LEU A 262 -17.90 1.45 10.52
C LEU A 262 -19.35 1.66 10.95
N PRO A 263 -20.26 0.77 10.52
CA PRO A 263 -21.68 0.93 10.83
C PRO A 263 -21.99 0.58 12.28
N CYS A 264 -23.16 0.99 12.73
CA CYS A 264 -23.62 0.68 14.08
C CYS A 264 -23.68 -0.84 14.24
N PRO A 265 -23.04 -1.44 15.26
CA PRO A 265 -23.12 -2.89 15.49
C PRO A 265 -24.57 -3.30 15.71
N PRO A 266 -25.00 -4.50 15.24
CA PRO A 266 -26.32 -5.01 15.56
C PRO A 266 -26.56 -4.90 17.06
N ASN A 267 -27.78 -4.50 17.42
CA ASN A 267 -28.22 -4.43 18.84
C ASN A 267 -27.54 -3.28 19.62
N CYS A 268 -26.63 -2.52 19.03
CA CYS A 268 -25.96 -1.40 19.74
C CYS A 268 -26.92 -0.21 19.82
N PRO A 269 -27.28 0.32 21.00
CA PRO A 269 -28.18 1.46 21.09
C PRO A 269 -27.50 2.67 20.44
N ASP A 270 -28.31 3.58 19.94
CA ASP A 270 -27.78 4.78 19.23
C ASP A 270 -26.86 5.58 20.17
N GLU A 271 -27.18 5.68 21.45
CA GLU A 271 -26.43 6.52 22.43
C GLU A 271 -25.00 5.99 22.58
N VAL A 272 -24.80 4.69 22.43
CA VAL A 272 -23.45 4.07 22.52
C VAL A 272 -22.76 4.31 21.20
N TYR A 273 -23.48 4.11 20.11
CA TYR A 273 -22.91 4.40 18.78
C TYR A 273 -22.46 5.85 18.72
N GLN A 274 -23.19 6.80 19.31
CA GLN A 274 -22.78 8.23 19.27
C GLN A 274 -21.46 8.40 20.05
N LEU A 275 -21.25 7.72 21.17
CA LEU A 275 -19.94 7.82 21.88
C LEU A 275 -18.84 7.29 20.97
N MET A 276 -19.09 6.23 20.23
CA MET A 276 -18.10 5.61 19.32
C MET A 276 -17.77 6.60 18.16
N ARG A 277 -18.80 7.22 17.57
CA ARG A 277 -18.61 8.21 16.48
C ARG A 277 -17.74 9.40 16.95
N LYS A 278 -17.83 9.87 18.22
CA LYS A 278 -16.98 11.01 18.69
C LYS A 278 -15.50 10.58 18.71
N CYS A 279 -15.23 9.29 18.71
CA CYS A 279 -13.84 8.77 18.60
C CYS A 279 -13.27 9.00 17.19
N TRP A 280 -14.14 9.17 16.20
CA TRP A 280 -13.80 9.06 14.78
C TRP A 280 -14.01 10.39 14.06
N GLU A 281 -13.97 11.52 14.74
CA GLU A 281 -13.83 12.85 14.11
C GLU A 281 -12.53 12.87 13.28
N PHE A 282 -12.61 13.39 12.07
CA PHE A 282 -11.48 13.39 11.13
C PHE A 282 -10.30 14.15 11.74
N GLN A 283 -10.53 15.29 12.39
CA GLN A 283 -9.41 16.06 13.02
C GLN A 283 -9.18 15.56 14.44
N PRO A 284 -7.91 15.28 14.84
CA PRO A 284 -7.59 14.87 16.20
C PRO A 284 -8.18 15.82 17.26
N SER A 285 -8.09 17.13 17.00
CA SER A 285 -8.54 18.17 17.95
C SER A 285 -10.05 18.05 18.23
N ASN A 286 -10.85 17.49 17.32
CA ASN A 286 -12.34 17.46 17.48
C ASN A 286 -12.80 16.17 18.14
N ARG A 287 -11.89 15.24 18.46
CA ARG A 287 -12.29 13.92 19.00
C ARG A 287 -12.60 14.08 20.48
N THR A 288 -13.47 13.23 21.01
CA THR A 288 -13.62 13.07 22.47
C THR A 288 -12.28 12.66 23.09
N SER A 289 -12.23 12.77 24.41
CA SER A 289 -11.15 12.28 25.31
C SER A 289 -11.52 10.95 25.99
N PHE A 290 -10.53 10.25 26.59
CA PHE A 290 -10.80 9.06 27.45
C PHE A 290 -11.65 9.45 28.68
N GLN A 291 -11.36 10.59 29.35
CA GLN A 291 -12.11 10.94 30.57
C GLN A 291 -13.57 11.26 30.14
N ASN A 292 -13.79 11.86 28.96
CA ASN A 292 -15.17 12.13 28.45
C ASN A 292 -15.94 10.82 28.19
N LEU A 293 -15.25 9.83 27.61
CA LEU A 293 -15.83 8.48 27.30
C LEU A 293 -16.24 7.80 28.62
N ILE A 294 -15.34 7.81 29.62
CA ILE A 294 -15.63 7.21 30.95
C ILE A 294 -16.93 7.83 31.47
N GLU A 295 -17.06 9.14 31.34
CA GLU A 295 -18.22 9.87 31.92
C GLU A 295 -19.47 9.45 31.14
N GLY A 296 -19.34 9.43 29.79
CA GLY A 296 -20.40 8.99 28.86
C GLY A 296 -20.92 7.58 29.22
N PHE A 297 -20.01 6.63 29.44
CA PHE A 297 -20.38 5.22 29.72
C PHE A 297 -21.00 5.12 31.11
N GLU A 298 -20.38 5.81 32.06
CA GLU A 298 -20.86 5.79 33.46
C GLU A 298 -22.29 6.36 33.49
N ALA A 299 -22.57 7.38 32.69
CA ALA A 299 -23.94 7.93 32.61
C ALA A 299 -24.87 6.81 32.11
N LEU A 300 -24.45 6.04 31.10
CA LEU A 300 -25.31 4.95 30.56
C LEU A 300 -25.47 3.80 31.54
N LEU A 301 -24.53 3.59 32.45
CA LEU A 301 -24.61 2.46 33.41
C LEU A 301 -25.47 2.75 34.66
N LYS A 302 -25.75 3.99 35.00
CA LYS A 302 -26.44 4.30 36.28
C LYS A 302 -27.74 3.49 36.42
N VAL B 13 -9.50 -13.95 -49.33
CA VAL B 13 -8.52 -13.89 -48.20
C VAL B 13 -8.56 -12.49 -47.58
N ASP B 14 -8.60 -12.46 -46.26
CA ASP B 14 -8.55 -11.25 -45.41
C ASP B 14 -7.11 -11.16 -44.93
N PRO B 15 -6.39 -10.09 -45.34
CA PRO B 15 -4.97 -9.95 -45.00
C PRO B 15 -4.74 -9.72 -43.51
N THR B 16 -5.80 -9.49 -42.71
CA THR B 16 -5.71 -9.25 -41.24
C THR B 16 -6.13 -10.51 -40.47
N HIS B 17 -6.46 -11.61 -41.15
CA HIS B 17 -6.76 -12.92 -40.53
C HIS B 17 -5.50 -13.79 -40.58
N PHE B 18 -4.87 -14.08 -39.45
CA PHE B 18 -3.71 -15.00 -39.31
C PHE B 18 -4.24 -16.37 -38.85
N GLU B 19 -4.07 -17.38 -39.68
CA GLU B 19 -4.42 -18.76 -39.32
C GLU B 19 -3.43 -19.29 -38.28
N LYS B 20 -3.94 -19.87 -37.20
CA LYS B 20 -3.16 -20.50 -36.11
C LYS B 20 -2.16 -21.53 -36.66
N ARG B 21 -2.50 -22.36 -37.64
CA ARG B 21 -1.59 -23.43 -38.09
C ARG B 21 -0.28 -22.87 -38.68
N PHE B 22 -0.21 -21.59 -39.09
CA PHE B 22 0.99 -21.01 -39.76
C PHE B 22 1.74 -20.04 -38.84
N LEU B 23 1.25 -19.88 -37.62
CA LEU B 23 1.87 -18.90 -36.69
C LEU B 23 2.82 -19.62 -35.73
N LYS B 24 4.11 -19.64 -36.05
CA LYS B 24 5.11 -20.52 -35.42
C LYS B 24 5.83 -19.67 -34.36
N ARG B 25 5.84 -20.16 -33.14
CA ARG B 25 6.51 -19.54 -31.98
C ARG B 25 8.01 -19.55 -32.21
N ILE B 26 8.66 -18.39 -32.01
CA ILE B 26 10.14 -18.28 -31.86
C ILE B 26 10.47 -18.13 -30.36
N ARG B 27 9.87 -17.17 -29.62
CA ARG B 27 10.21 -16.95 -28.20
C ARG B 27 9.31 -15.89 -27.54
N ASP B 28 9.42 -15.72 -26.22
CA ASP B 28 8.71 -14.66 -25.46
C ASP B 28 9.40 -13.30 -25.59
N LEU B 29 8.62 -12.23 -25.78
CA LEU B 29 9.11 -10.83 -25.70
C LEU B 29 8.84 -10.25 -24.32
N GLY B 30 7.72 -10.58 -23.71
CA GLY B 30 7.34 -10.05 -22.40
C GLY B 30 6.16 -10.81 -21.82
N GLU B 31 5.85 -10.55 -20.55
CA GLU B 31 4.58 -10.99 -19.92
C GLU B 31 4.08 -10.02 -18.85
N GLY B 32 2.79 -10.11 -18.58
CA GLY B 32 2.15 -9.65 -17.34
C GLY B 32 1.56 -10.86 -16.64
N HIS B 33 0.65 -10.62 -15.70
CA HIS B 33 0.09 -11.67 -14.80
C HIS B 33 -0.91 -12.51 -15.59
N PHE B 34 -1.59 -11.91 -16.58
CA PHE B 34 -2.74 -12.52 -17.28
C PHE B 34 -2.35 -12.95 -18.71
N GLY B 35 -1.21 -12.52 -19.24
CA GLY B 35 -0.78 -13.03 -20.56
C GLY B 35 0.62 -12.64 -20.98
N LYS B 36 0.88 -12.77 -22.28
CA LYS B 36 2.23 -12.52 -22.81
C LYS B 36 2.21 -11.94 -24.22
N VAL B 37 3.42 -11.50 -24.63
CA VAL B 37 3.70 -11.06 -26.00
C VAL B 37 4.84 -11.93 -26.49
N GLU B 38 4.61 -12.67 -27.58
CA GLU B 38 5.57 -13.62 -28.19
C GLU B 38 6.00 -13.13 -29.56
N LEU B 39 7.25 -13.43 -29.91
CA LEU B 39 7.77 -13.34 -31.28
C LEU B 39 7.39 -14.65 -31.97
N CYS B 40 6.66 -14.54 -33.06
CA CYS B 40 6.31 -15.61 -33.99
C CYS B 40 6.73 -15.29 -35.43
N ARG B 41 6.77 -16.32 -36.24
CA ARG B 41 6.88 -16.15 -37.71
C ARG B 41 5.54 -16.61 -38.27
N TYR B 42 4.87 -15.76 -39.04
CA TYR B 42 3.70 -16.21 -39.80
C TYR B 42 4.20 -16.84 -41.09
N ASP B 43 4.16 -18.17 -41.19
CA ASP B 43 4.96 -18.90 -42.21
C ASP B 43 4.03 -19.79 -43.02
N PRO B 44 3.03 -19.26 -43.75
CA PRO B 44 2.18 -20.12 -44.59
C PRO B 44 2.90 -21.00 -45.61
N GLU B 45 4.10 -20.62 -46.06
CA GLU B 45 4.86 -21.41 -47.08
C GLU B 45 5.76 -22.47 -46.44
N GLY B 46 5.84 -22.53 -45.12
CA GLY B 46 6.59 -23.56 -44.40
C GLY B 46 8.08 -23.54 -44.70
N ASP B 47 8.68 -22.44 -45.16
CA ASP B 47 10.15 -22.45 -45.42
C ASP B 47 10.92 -21.42 -44.58
N ASN B 48 10.33 -20.82 -43.55
CA ASN B 48 11.00 -19.86 -42.65
C ASN B 48 11.23 -18.54 -43.39
N THR B 49 10.42 -18.22 -44.39
CA THR B 49 10.59 -16.92 -45.11
C THR B 49 9.48 -15.95 -44.74
N GLY B 50 8.50 -16.39 -43.95
CA GLY B 50 7.35 -15.57 -43.53
C GLY B 50 7.76 -14.35 -42.69
N GLU B 51 6.90 -13.36 -42.57
CA GLU B 51 7.22 -12.19 -41.69
C GLU B 51 7.22 -12.59 -40.19
N GLN B 52 8.13 -11.97 -39.45
CA GLN B 52 8.10 -11.98 -37.98
C GLN B 52 7.00 -11.02 -37.49
N VAL B 53 6.23 -11.42 -36.50
CA VAL B 53 5.19 -10.59 -35.84
C VAL B 53 5.24 -10.72 -34.32
N ALA B 54 4.71 -9.75 -33.60
CA ALA B 54 4.60 -9.74 -32.14
C ALA B 54 3.15 -10.13 -31.87
N VAL B 55 2.92 -11.11 -31.04
CA VAL B 55 1.58 -11.74 -30.81
C VAL B 55 1.23 -11.62 -29.33
N LYS B 56 0.13 -10.94 -29.02
CA LYS B 56 -0.32 -10.78 -27.66
C LYS B 56 -1.47 -11.77 -27.43
N SER B 57 -1.41 -12.52 -26.35
CA SER B 57 -2.37 -13.61 -26.06
C SER B 57 -2.51 -13.79 -24.55
N LEU B 58 -3.65 -14.34 -24.15
CA LEU B 58 -3.92 -14.59 -22.70
C LEU B 58 -3.36 -15.94 -22.28
N LYS B 59 -2.92 -16.05 -21.03
CA LYS B 59 -2.72 -17.35 -20.32
C LYS B 59 -4.06 -18.12 -20.31
N PRO B 60 -4.11 -19.46 -20.45
CA PRO B 60 -5.30 -20.24 -20.09
C PRO B 60 -5.79 -20.09 -18.64
N HIS B 66 -11.05 -10.12 -18.88
CA HIS B 66 -9.67 -10.22 -19.49
C HIS B 66 -9.79 -10.51 -20.99
N ILE B 67 -10.53 -11.55 -21.35
CA ILE B 67 -10.86 -11.80 -22.77
C ILE B 67 -11.58 -10.57 -23.33
N ALA B 68 -12.63 -10.08 -22.67
CA ALA B 68 -13.30 -8.85 -23.12
C ALA B 68 -12.29 -7.71 -23.23
N ASP B 69 -11.40 -7.60 -22.27
CA ASP B 69 -10.49 -6.42 -22.26
C ASP B 69 -9.53 -6.49 -23.45
N LEU B 70 -9.01 -7.68 -23.79
CA LEU B 70 -8.08 -7.86 -24.93
C LEU B 70 -8.84 -7.57 -26.25
N LYS B 71 -10.12 -7.96 -26.34
CA LYS B 71 -10.92 -7.61 -27.52
C LYS B 71 -10.98 -6.08 -27.61
N LYS B 72 -11.10 -5.40 -26.46
CA LYS B 72 -11.27 -3.92 -26.46
C LYS B 72 -9.94 -3.31 -26.91
N GLU B 73 -8.86 -3.87 -26.40
CA GLU B 73 -7.50 -3.40 -26.74
C GLU B 73 -7.35 -3.55 -28.26
N ILE B 74 -7.76 -4.72 -28.79
CA ILE B 74 -7.59 -4.99 -30.24
C ILE B 74 -8.33 -3.90 -31.02
N GLU B 75 -9.54 -3.57 -30.61
CA GLU B 75 -10.41 -2.65 -31.37
C GLU B 75 -9.84 -1.22 -31.34
N ILE B 76 -9.19 -0.83 -30.24
CA ILE B 76 -8.49 0.48 -30.12
C ILE B 76 -7.32 0.51 -31.11
N LEU B 77 -6.43 -0.45 -31.07
CA LEU B 77 -5.20 -0.38 -31.90
C LEU B 77 -5.54 -0.53 -33.41
N ARG B 78 -6.57 -1.31 -33.77
CA ARG B 78 -6.95 -1.54 -35.20
C ARG B 78 -7.26 -0.18 -35.85
N ASN B 79 -7.68 0.77 -35.03
CA ASN B 79 -8.28 2.04 -35.48
C ASN B 79 -7.32 3.20 -35.19
N LEU B 80 -6.11 2.93 -34.72
CA LEU B 80 -5.08 4.01 -34.52
C LEU B 80 -4.14 3.94 -35.71
N TYR B 81 -3.89 5.09 -36.36
CA TYR B 81 -3.01 5.17 -37.55
C TYR B 81 -2.07 6.36 -37.32
N HIS B 82 -0.86 6.12 -36.84
CA HIS B 82 0.10 7.25 -36.63
C HIS B 82 1.51 6.71 -36.76
N GLU B 83 2.45 7.47 -37.28
CA GLU B 83 3.76 6.84 -37.52
C GLU B 83 4.44 6.58 -36.17
N ASN B 84 3.97 7.20 -35.07
CA ASN B 84 4.56 6.92 -33.73
C ASN B 84 3.65 6.05 -32.85
N ILE B 85 2.82 5.20 -33.47
CA ILE B 85 2.04 4.14 -32.77
C ILE B 85 2.28 2.80 -33.49
N VAL B 86 2.62 1.74 -32.75
CA VAL B 86 2.95 0.42 -33.37
C VAL B 86 1.79 -0.02 -34.26
N LYS B 87 2.13 -0.67 -35.36
CA LYS B 87 1.12 -1.11 -36.35
C LYS B 87 0.40 -2.37 -35.87
N TYR B 88 -0.93 -2.28 -35.86
CA TYR B 88 -1.85 -3.45 -35.90
C TYR B 88 -1.67 -4.17 -37.22
N LYS B 89 -1.58 -5.50 -37.21
CA LYS B 89 -1.54 -6.34 -38.42
C LYS B 89 -2.81 -7.18 -38.55
N GLY B 90 -3.33 -7.65 -37.43
CA GLY B 90 -4.53 -8.52 -37.46
C GLY B 90 -4.76 -9.30 -36.22
N ILE B 91 -5.57 -10.37 -36.36
CA ILE B 91 -5.97 -11.24 -35.25
C ILE B 91 -5.83 -12.69 -35.67
N CYS B 92 -5.63 -13.55 -34.67
CA CYS B 92 -5.78 -15.03 -34.78
C CYS B 92 -6.93 -15.45 -33.87
N THR B 93 -7.97 -16.07 -34.45
CA THR B 93 -9.21 -16.39 -33.68
C THR B 93 -9.32 -17.91 -33.57
N GLU B 94 -9.62 -18.42 -32.37
CA GLU B 94 -10.20 -19.78 -32.17
C GLU B 94 -11.53 -19.68 -31.40
N GLY B 99 -11.34 -17.48 -27.61
CA GLY B 99 -9.90 -17.12 -27.57
C GLY B 99 -9.47 -16.31 -28.79
N ILE B 100 -8.57 -15.35 -28.60
CA ILE B 100 -8.18 -14.42 -29.67
C ILE B 100 -6.75 -14.01 -29.40
N LYS B 101 -5.98 -13.76 -30.45
CA LYS B 101 -4.58 -13.23 -30.39
C LYS B 101 -4.52 -11.91 -31.20
N LEU B 102 -3.79 -10.93 -30.71
CA LEU B 102 -3.55 -9.63 -31.39
C LEU B 102 -2.20 -9.69 -32.11
N ILE B 103 -2.17 -9.48 -33.41
CA ILE B 103 -0.93 -9.56 -34.23
C ILE B 103 -0.45 -8.12 -34.51
N MET B 104 0.80 -7.82 -34.20
CA MET B 104 1.36 -6.45 -34.32
C MET B 104 2.64 -6.53 -35.11
N GLU B 105 3.13 -5.38 -35.62
CA GLU B 105 4.46 -5.40 -36.28
C GLU B 105 5.52 -5.74 -35.21
N PHE B 106 6.63 -6.39 -35.58
CA PHE B 106 7.75 -6.70 -34.67
C PHE B 106 8.86 -5.67 -34.88
N LEU B 107 9.35 -5.07 -33.81
CA LEU B 107 10.40 -4.01 -33.88
C LEU B 107 11.63 -4.61 -33.19
N PRO B 108 12.59 -5.19 -33.97
CA PRO B 108 13.65 -5.97 -33.34
C PRO B 108 14.56 -5.20 -32.37
N SER B 109 14.65 -3.87 -32.48
CA SER B 109 15.41 -3.07 -31.49
C SER B 109 14.74 -3.06 -30.11
N GLY B 110 13.46 -3.40 -29.98
CA GLY B 110 12.75 -3.44 -28.70
C GLY B 110 12.46 -2.11 -28.07
N SER B 111 12.38 -2.07 -26.74
CA SER B 111 11.92 -0.84 -26.05
C SER B 111 13.14 0.07 -25.81
N LEU B 112 12.81 1.28 -25.45
CA LEU B 112 13.90 2.23 -24.98
C LEU B 112 14.63 1.68 -23.73
N LYS B 113 14.00 0.87 -22.89
CA LYS B 113 14.60 0.30 -21.65
C LYS B 113 15.70 -0.69 -22.10
N GLU B 114 15.49 -1.43 -23.18
CA GLU B 114 16.47 -2.36 -23.82
C GLU B 114 17.54 -1.59 -24.61
N TYR B 115 17.11 -0.69 -25.47
CA TYR B 115 17.93 -0.08 -26.53
C TYR B 115 18.83 1.04 -25.96
N LEU B 116 18.34 1.87 -25.07
CA LEU B 116 19.15 3.02 -24.66
C LEU B 116 20.44 2.55 -23.96
N PRO B 117 20.42 1.60 -23.03
CA PRO B 117 21.66 1.28 -22.29
C PRO B 117 22.75 0.81 -23.25
N LYS B 118 22.36 0.19 -24.38
CA LYS B 118 23.27 -0.43 -25.35
C LYS B 118 23.75 0.56 -26.42
N ASN B 119 23.17 1.74 -26.53
CA ASN B 119 23.42 2.62 -27.70
C ASN B 119 23.70 4.02 -27.22
N LYS B 120 24.24 4.15 -26.00
CA LYS B 120 24.52 5.49 -25.48
C LYS B 120 25.40 6.26 -26.47
N ASN B 121 26.41 5.61 -27.05
CA ASN B 121 27.43 6.30 -27.90
C ASN B 121 26.78 6.87 -29.17
N LYS B 122 25.69 6.28 -29.67
CA LYS B 122 24.96 6.71 -30.91
C LYS B 122 23.90 7.82 -30.65
N ILE B 123 23.32 7.86 -29.44
CA ILE B 123 22.08 8.61 -29.08
C ILE B 123 22.49 9.77 -28.19
N ASN B 124 22.62 10.94 -28.77
CA ASN B 124 22.99 12.17 -28.05
C ASN B 124 21.73 12.94 -27.65
N LEU B 125 21.90 14.14 -27.06
CA LEU B 125 20.73 14.89 -26.52
C LEU B 125 19.77 15.26 -27.67
N LYS B 126 20.31 15.79 -28.77
CA LYS B 126 19.47 16.13 -29.93
C LYS B 126 18.56 14.92 -30.28
N GLN B 127 19.08 13.71 -30.31
CA GLN B 127 18.25 12.54 -30.73
C GLN B 127 17.27 12.21 -29.61
N GLN B 128 17.65 12.35 -28.33
CA GLN B 128 16.70 12.20 -27.19
C GLN B 128 15.54 13.19 -27.32
N LEU B 129 15.81 14.45 -27.67
CA LEU B 129 14.76 15.48 -27.78
C LEU B 129 13.82 15.13 -28.95
N LYS B 130 14.36 14.54 -30.00
CA LYS B 130 13.52 14.11 -31.17
C LYS B 130 12.67 12.88 -30.84
N TYR B 131 13.19 11.93 -30.04
CA TYR B 131 12.32 10.85 -29.49
C TYR B 131 11.24 11.45 -28.60
N ALA B 132 11.56 12.49 -27.83
CA ALA B 132 10.53 13.04 -26.89
C ALA B 132 9.40 13.62 -27.75
N VAL B 133 9.71 14.33 -28.81
CA VAL B 133 8.72 14.99 -29.71
C VAL B 133 7.83 13.89 -30.30
N GLN B 134 8.44 12.80 -30.77
CA GLN B 134 7.74 11.66 -31.41
C GLN B 134 6.78 11.04 -30.41
N ILE B 135 7.20 10.80 -29.18
CA ILE B 135 6.32 10.27 -28.10
C ILE B 135 5.19 11.26 -27.91
N CYS B 136 5.47 12.56 -27.78
CA CYS B 136 4.38 13.58 -27.55
C CYS B 136 3.37 13.55 -28.74
N LYS B 137 3.86 13.45 -29.96
CA LYS B 137 2.95 13.37 -31.14
C LYS B 137 2.08 12.13 -31.16
N GLY B 138 2.65 10.99 -30.80
CA GLY B 138 1.86 9.74 -30.63
C GLY B 138 0.82 9.93 -29.55
N MET B 139 1.20 10.48 -28.39
CA MET B 139 0.28 10.66 -27.24
C MET B 139 -0.80 11.68 -27.58
N ASP B 140 -0.44 12.76 -28.28
CA ASP B 140 -1.41 13.81 -28.60
C ASP B 140 -2.46 13.22 -29.57
N TYR B 141 -2.04 12.41 -30.54
CA TYR B 141 -2.93 11.69 -31.50
C TYR B 141 -3.91 10.83 -30.69
N LEU B 142 -3.40 10.03 -29.76
CA LEU B 142 -4.24 9.20 -28.86
C LEU B 142 -5.26 10.06 -28.12
N GLY B 143 -4.84 11.17 -27.48
CA GLY B 143 -5.75 12.04 -26.75
C GLY B 143 -6.83 12.64 -27.65
N SER B 144 -6.45 12.96 -28.88
CA SER B 144 -7.40 13.54 -29.87
C SER B 144 -8.52 12.54 -30.17
N ARG B 145 -8.25 11.22 -30.14
CA ARG B 145 -9.29 10.17 -30.29
C ARG B 145 -10.02 9.88 -28.95
N GLN B 146 -9.81 10.65 -27.88
CA GLN B 146 -10.55 10.59 -26.57
C GLN B 146 -10.10 9.34 -25.81
N TYR B 147 -8.79 9.04 -25.81
CA TYR B 147 -8.22 7.89 -25.08
C TYR B 147 -7.19 8.42 -24.07
N VAL B 148 -7.13 7.73 -22.93
CA VAL B 148 -6.14 7.92 -21.85
C VAL B 148 -5.35 6.61 -21.78
N HIS B 149 -4.01 6.69 -21.84
CA HIS B 149 -3.15 5.52 -22.01
C HIS B 149 -2.96 4.84 -20.65
N ARG B 150 -2.66 5.60 -19.59
CA ARG B 150 -2.53 5.10 -18.20
C ARG B 150 -1.29 4.20 -18.04
N ASP B 151 -0.37 4.08 -19.00
CA ASP B 151 0.79 3.16 -18.82
C ASP B 151 1.98 3.67 -19.59
N LEU B 152 2.11 4.97 -19.72
CA LEU B 152 3.22 5.50 -20.56
C LEU B 152 4.51 5.38 -19.78
N ALA B 153 5.41 4.53 -20.28
CA ALA B 153 6.78 4.39 -19.69
C ALA B 153 7.73 3.92 -20.78
N ALA B 154 9.04 4.07 -20.49
CA ALA B 154 10.09 3.69 -21.42
C ALA B 154 9.91 2.24 -21.88
N ARG B 155 9.44 1.33 -21.05
CA ARG B 155 9.33 -0.08 -21.42
C ARG B 155 8.26 -0.26 -22.50
N ASN B 156 7.45 0.77 -22.79
CA ASN B 156 6.28 0.72 -23.71
C ASN B 156 6.53 1.61 -24.93
N VAL B 157 7.78 2.09 -25.10
CA VAL B 157 8.15 2.90 -26.27
C VAL B 157 9.18 2.11 -27.09
N LEU B 158 8.76 1.62 -28.25
CA LEU B 158 9.57 0.78 -29.13
C LEU B 158 10.42 1.62 -30.06
N VAL B 159 11.61 1.09 -30.37
CA VAL B 159 12.58 1.74 -31.30
C VAL B 159 12.36 1.11 -32.68
N GLU B 160 11.82 1.88 -33.62
CA GLU B 160 11.68 1.48 -35.05
C GLU B 160 13.06 1.54 -35.70
N SER B 161 13.83 2.58 -35.39
CA SER B 161 15.20 2.81 -35.90
C SER B 161 15.90 3.82 -35.02
N GLU B 162 17.17 4.04 -35.27
CA GLU B 162 17.87 5.13 -34.56
C GLU B 162 17.08 6.46 -34.58
N HIS B 163 16.28 6.69 -35.58
CA HIS B 163 15.65 8.00 -35.79
C HIS B 163 14.18 7.98 -35.38
N GLN B 164 13.59 6.83 -35.03
CA GLN B 164 12.10 6.82 -34.87
C GLN B 164 11.67 5.84 -33.77
N VAL B 165 10.76 6.33 -32.91
CA VAL B 165 10.14 5.50 -31.84
C VAL B 165 8.64 5.36 -32.07
N LYS B 166 8.08 4.37 -31.47
CA LYS B 166 6.61 4.13 -31.54
C LYS B 166 6.10 3.67 -30.19
N ILE B 167 4.94 4.16 -29.76
CA ILE B 167 4.28 3.66 -28.53
C ILE B 167 3.87 2.23 -28.88
N GLY B 168 4.19 1.24 -28.03
CA GLY B 168 4.15 -0.18 -28.45
C GLY B 168 3.15 -1.06 -27.72
N ASP B 169 2.43 -0.53 -26.72
CA ASP B 169 1.47 -1.30 -25.92
C ASP B 169 0.31 -0.41 -25.51
N PHE B 170 -0.92 -0.93 -25.57
CA PHE B 170 -2.16 -0.21 -25.18
C PHE B 170 -3.03 -1.04 -24.25
N GLY B 171 -2.44 -1.90 -23.43
CA GLY B 171 -3.10 -2.84 -22.48
C GLY B 171 -3.92 -2.18 -21.37
N LEU B 172 -3.68 -0.92 -21.07
CA LEU B 172 -4.43 -0.17 -20.03
C LEU B 172 -5.24 0.97 -20.63
N THR B 173 -5.28 1.14 -21.96
CA THR B 173 -5.89 2.31 -22.62
C THR B 173 -7.39 2.29 -22.37
N LYS B 174 -7.94 3.47 -22.08
CA LYS B 174 -9.38 3.63 -21.80
C LYS B 174 -9.95 4.80 -22.60
N ALA B 175 -11.23 4.69 -23.02
CA ALA B 175 -11.96 5.83 -23.64
C ALA B 175 -12.47 6.76 -22.53
N ILE B 176 -12.26 8.08 -22.68
CA ILE B 176 -12.94 9.13 -21.86
C ILE B 176 -14.29 9.39 -22.55
N GLU B 177 -15.40 9.25 -21.84
CA GLU B 177 -16.73 9.58 -22.44
C GLU B 177 -16.77 11.06 -22.86
N THR B 178 -17.49 11.39 -23.96
CA THR B 178 -17.75 12.80 -24.46
C THR B 178 -18.29 13.63 -23.27
N ASP B 179 -17.82 14.88 -23.11
CA ASP B 179 -18.26 15.84 -22.06
C ASP B 179 -17.47 15.62 -20.75
N LYS B 180 -16.94 14.41 -20.49
CA LYS B 180 -16.21 14.11 -19.21
C LYS B 180 -14.71 14.38 -19.45
N GLU B 181 -13.93 14.50 -18.39
CA GLU B 181 -12.49 14.82 -18.53
C GLU B 181 -11.58 13.69 -18.04
N THR B 184 -12.50 6.75 -14.50
CA THR B 184 -12.20 6.28 -13.15
C THR B 184 -11.86 4.80 -13.21
N VAL B 185 -10.78 4.35 -12.59
CA VAL B 185 -10.41 2.90 -12.61
C VAL B 185 -10.66 2.19 -11.28
N LYS B 186 -10.99 0.89 -11.37
CA LYS B 186 -11.31 -0.04 -10.25
C LYS B 186 -10.24 -1.14 -10.16
N ASP B 187 -9.77 -1.62 -11.30
CA ASP B 187 -8.79 -2.73 -11.46
C ASP B 187 -7.36 -2.19 -11.25
N ASP B 188 -7.08 -1.51 -10.13
CA ASP B 188 -5.82 -0.73 -9.84
C ASP B 188 -4.72 -1.53 -9.10
N ARG B 189 -4.95 -2.81 -8.83
CA ARG B 189 -3.84 -3.70 -8.46
C ARG B 189 -2.97 -3.78 -9.71
N ASP B 190 -1.67 -3.61 -9.50
CA ASP B 190 -0.58 -3.72 -10.50
C ASP B 190 -0.32 -2.36 -11.14
N SER B 191 -0.79 -1.27 -10.53
CA SER B 191 -0.53 0.14 -10.96
C SER B 191 0.97 0.40 -10.98
N PRO B 192 1.49 1.04 -12.06
CA PRO B 192 2.84 1.56 -12.09
C PRO B 192 2.89 2.90 -11.31
N VAL B 193 2.86 2.79 -9.98
CA VAL B 193 2.62 3.95 -9.04
C VAL B 193 3.70 5.01 -9.27
N PHE B 194 4.93 4.64 -9.61
CA PHE B 194 6.02 5.65 -9.70
C PHE B 194 5.91 6.49 -10.98
N TRP B 195 4.92 6.21 -11.83
CA TRP B 195 4.68 7.00 -13.06
C TRP B 195 3.36 7.77 -12.96
N TYR B 196 2.65 7.61 -11.84
CA TYR B 196 1.26 8.09 -11.72
C TYR B 196 1.17 9.49 -11.13
N ALA B 197 0.32 10.30 -11.74
CA ALA B 197 -0.10 11.61 -11.22
C ALA B 197 -0.84 11.48 -9.88
N PRO B 198 -0.70 12.48 -8.98
CA PRO B 198 -1.39 12.48 -7.69
C PRO B 198 -2.88 12.07 -7.71
N GLU B 199 -3.65 12.65 -8.64
CA GLU B 199 -5.11 12.39 -8.79
C GLU B 199 -5.35 10.90 -9.10
N CYS B 200 -4.36 10.21 -9.66
CA CYS B 200 -4.44 8.77 -10.02
C CYS B 200 -4.17 7.94 -8.77
N LEU B 201 -3.19 8.37 -7.97
CA LEU B 201 -2.83 7.68 -6.70
C LEU B 201 -3.94 7.90 -5.67
N MET B 202 -4.49 9.11 -5.60
CA MET B 202 -5.36 9.53 -4.47
C MET B 202 -6.79 9.07 -4.70
N GLN B 203 -7.25 9.07 -5.95
CA GLN B 203 -8.69 8.93 -6.30
C GLN B 203 -8.94 8.06 -7.54
N SER B 204 -7.93 7.41 -8.11
CA SER B 204 -8.05 6.50 -9.29
C SER B 204 -8.72 7.20 -10.48
N LYS B 205 -8.53 8.51 -10.61
CA LYS B 205 -9.04 9.32 -11.74
C LYS B 205 -7.91 9.54 -12.75
N PHE B 206 -8.19 9.21 -14.05
CA PHE B 206 -7.23 9.38 -15.18
C PHE B 206 -7.75 10.37 -16.22
N TYR B 207 -7.00 11.44 -16.35
CA TYR B 207 -7.17 12.58 -17.27
C TYR B 207 -6.12 12.50 -18.37
N ILE B 208 -6.32 13.23 -19.46
CA ILE B 208 -5.23 13.40 -20.48
C ILE B 208 -4.00 13.95 -19.72
N ALA B 209 -4.20 14.93 -18.85
CA ALA B 209 -3.14 15.54 -18.00
C ALA B 209 -2.37 14.48 -17.20
N SER B 210 -3.00 13.37 -16.83
CA SER B 210 -2.32 12.25 -16.12
C SER B 210 -1.29 11.56 -17.03
N ASP B 211 -1.58 11.35 -18.32
CA ASP B 211 -0.56 10.90 -19.30
C ASP B 211 0.54 11.99 -19.42
N VAL B 212 0.23 13.28 -19.39
CA VAL B 212 1.30 14.34 -19.47
C VAL B 212 2.29 14.09 -18.30
N TRP B 213 1.81 13.82 -17.11
CA TRP B 213 2.62 13.54 -15.92
C TRP B 213 3.47 12.29 -16.20
N SER B 214 2.85 11.18 -16.62
CA SER B 214 3.57 9.95 -17.02
C SER B 214 4.60 10.31 -18.08
N PHE B 215 4.30 11.16 -19.07
CA PHE B 215 5.29 11.52 -20.11
C PHE B 215 6.52 12.12 -19.40
N GLY B 216 6.33 13.02 -18.43
CA GLY B 216 7.50 13.64 -17.72
C GLY B 216 8.44 12.59 -17.14
N VAL B 217 7.90 11.53 -16.55
CA VAL B 217 8.69 10.42 -15.92
C VAL B 217 9.41 9.65 -17.03
N THR B 218 8.73 9.44 -18.16
CA THR B 218 9.25 8.72 -19.31
C THR B 218 10.38 9.60 -19.88
N LEU B 219 10.19 10.92 -19.91
CA LEU B 219 11.28 11.79 -20.37
C LEU B 219 12.51 11.57 -19.43
N HIS B 220 12.26 11.65 -18.13
CA HIS B 220 13.33 11.39 -17.10
C HIS B 220 14.08 10.08 -17.45
N GLU B 221 13.38 8.99 -17.68
CA GLU B 221 14.01 7.69 -18.07
C GLU B 221 14.88 7.81 -19.32
N LEU B 222 14.36 8.47 -20.37
CA LEU B 222 15.02 8.60 -21.68
C LEU B 222 16.33 9.35 -21.47
N LEU B 223 16.29 10.39 -20.66
CA LEU B 223 17.50 11.26 -20.49
C LEU B 223 18.54 10.56 -19.60
N THR B 224 18.15 9.57 -18.77
CA THR B 224 19.06 8.72 -17.93
C THR B 224 19.48 7.45 -18.72
N TYR B 225 19.08 7.37 -19.99
CA TYR B 225 19.34 6.19 -20.85
C TYR B 225 18.82 4.94 -20.15
N CYS B 226 17.69 5.10 -19.45
CA CYS B 226 16.93 4.01 -18.81
C CYS B 226 17.91 3.22 -17.93
N ASP B 227 18.84 3.87 -17.24
CA ASP B 227 19.60 3.06 -16.26
C ASP B 227 18.76 2.70 -15.02
N SER B 228 18.89 1.44 -14.63
CA SER B 228 18.19 0.79 -13.50
C SER B 228 18.38 1.56 -12.19
N ASP B 229 19.63 1.98 -11.86
CA ASP B 229 19.95 2.67 -10.58
C ASP B 229 19.43 4.12 -10.59
N SER B 230 19.00 4.67 -11.72
CA SER B 230 18.38 6.01 -11.75
C SER B 230 16.92 5.92 -12.20
N SER B 231 16.30 4.77 -12.04
CA SER B 231 14.88 4.61 -12.44
C SER B 231 14.02 5.47 -11.53
N PRO B 232 12.87 5.91 -12.05
CA PRO B 232 11.85 6.58 -11.24
C PRO B 232 11.59 5.78 -9.96
N MET B 233 11.49 4.46 -10.02
CA MET B 233 11.21 3.62 -8.82
C MET B 233 12.40 3.76 -7.84
N ALA B 234 13.59 3.27 -8.20
CA ALA B 234 14.83 3.46 -7.40
C ALA B 234 14.92 4.88 -6.80
N LEU B 235 14.70 5.92 -7.58
CA LEU B 235 14.93 7.30 -7.07
C LEU B 235 13.83 7.69 -6.09
N PHE B 236 12.56 7.39 -6.40
CA PHE B 236 11.44 7.68 -5.47
C PHE B 236 11.62 6.90 -4.12
N LEU B 237 12.05 5.65 -4.18
CA LEU B 237 12.23 4.81 -2.96
C LEU B 237 13.36 5.44 -2.14
N LYS B 238 14.42 5.97 -2.78
CA LYS B 238 15.50 6.70 -2.06
C LYS B 238 14.86 7.88 -1.30
N MET B 239 13.94 8.61 -1.94
CA MET B 239 13.26 9.77 -1.32
C MET B 239 12.40 9.36 -0.11
N ILE B 240 11.58 8.30 -0.20
CA ILE B 240 10.57 7.99 0.88
C ILE B 240 11.03 6.85 1.81
N GLY B 241 11.98 5.99 1.42
CA GLY B 241 12.38 4.79 2.17
C GLY B 241 12.01 3.52 1.42
N PRO B 242 12.93 2.55 1.25
CA PRO B 242 12.56 1.28 0.59
C PRO B 242 11.83 0.26 1.47
N THR B 243 11.61 0.52 2.77
CA THR B 243 11.01 -0.48 3.68
C THR B 243 9.47 -0.39 3.50
N HIS B 244 8.71 0.18 4.43
CA HIS B 244 7.35 0.80 4.23
C HIS B 244 6.23 -0.15 3.71
N GLY B 245 6.41 -0.95 2.66
CA GLY B 245 5.41 -1.93 2.18
C GLY B 245 4.11 -1.30 1.69
N GLN B 246 2.97 -1.71 2.29
CA GLN B 246 1.56 -1.27 2.04
C GLN B 246 1.33 0.26 2.32
N MET B 247 2.39 0.91 2.93
CA MET B 247 2.36 2.38 3.18
C MET B 247 3.12 3.12 2.06
N THR B 248 3.65 2.38 1.09
CA THR B 248 4.55 2.97 0.07
C THR B 248 3.79 4.06 -0.65
N VAL B 249 2.62 3.77 -1.18
CA VAL B 249 1.89 4.78 -2.00
C VAL B 249 1.50 6.02 -1.17
N THR B 250 1.12 5.91 0.12
CA THR B 250 0.65 7.09 0.93
C THR B 250 1.84 8.05 1.22
N ARG B 251 3.01 7.43 1.41
CA ARG B 251 4.28 8.16 1.59
C ARG B 251 4.67 8.86 0.27
N LEU B 252 4.52 8.17 -0.90
CA LEU B 252 4.76 8.77 -2.24
C LEU B 252 3.82 9.99 -2.42
N VAL B 253 2.52 9.86 -2.13
CA VAL B 253 1.56 10.99 -2.26
C VAL B 253 1.98 12.13 -1.34
N ASN B 254 2.39 11.78 -0.14
CA ASN B 254 2.95 12.72 0.86
C ASN B 254 4.07 13.52 0.16
N THR B 255 5.11 12.88 -0.38
CA THR B 255 6.31 13.62 -0.87
C THR B 255 5.95 14.43 -2.11
N LEU B 256 5.08 13.94 -3.00
CA LEU B 256 4.58 14.78 -4.11
C LEU B 256 3.83 15.99 -3.52
N LYS B 257 3.02 15.82 -2.46
CA LYS B 257 2.28 16.93 -1.80
C LYS B 257 3.26 18.01 -1.32
N GLU B 258 4.38 17.60 -0.70
CA GLU B 258 5.40 18.51 -0.14
C GLU B 258 6.15 19.24 -1.27
N GLY B 259 5.88 18.95 -2.55
CA GLY B 259 6.44 19.72 -3.67
C GLY B 259 7.66 19.08 -4.33
N LYS B 260 8.17 17.95 -3.79
CA LYS B 260 9.36 17.19 -4.22
C LYS B 260 9.07 16.38 -5.49
N ARG B 261 10.07 16.34 -6.39
CA ARG B 261 9.98 15.70 -7.71
C ARG B 261 11.27 14.97 -7.97
N LEU B 262 11.27 14.16 -9.02
CA LEU B 262 12.51 13.55 -9.50
C LEU B 262 13.54 14.66 -9.78
N PRO B 263 14.82 14.37 -9.49
CA PRO B 263 15.90 15.35 -9.71
C PRO B 263 16.27 15.50 -11.20
N CYS B 264 16.91 16.61 -11.55
CA CYS B 264 17.43 16.84 -12.92
C CYS B 264 18.36 15.70 -13.33
N PRO B 265 18.12 14.97 -14.45
CA PRO B 265 19.06 13.95 -14.90
C PRO B 265 20.47 14.47 -15.09
N PRO B 266 21.50 13.63 -14.91
CA PRO B 266 22.87 14.10 -15.15
C PRO B 266 23.06 14.55 -16.60
N ASN B 267 23.72 15.70 -16.73
CA ASN B 267 24.04 16.26 -18.06
C ASN B 267 22.82 16.88 -18.69
N CYS B 268 21.68 17.00 -18.02
CA CYS B 268 20.43 17.50 -18.65
C CYS B 268 20.38 19.02 -18.53
N PRO B 269 20.30 19.80 -19.63
CA PRO B 269 20.27 21.25 -19.51
C PRO B 269 19.06 21.69 -18.68
N ASP B 270 19.24 22.79 -17.94
CA ASP B 270 18.15 23.27 -17.07
C ASP B 270 16.90 23.54 -17.91
N GLU B 271 16.98 24.01 -19.13
CA GLU B 271 15.72 24.37 -19.84
C GLU B 271 14.97 23.11 -20.31
N VAL B 272 15.67 21.97 -20.48
CA VAL B 272 14.94 20.68 -20.75
C VAL B 272 14.26 20.27 -19.46
N TYR B 273 14.97 20.42 -18.34
CA TYR B 273 14.45 20.06 -17.00
C TYR B 273 13.18 20.85 -16.68
N GLN B 274 13.12 22.12 -17.09
CA GLN B 274 11.97 23.01 -16.79
C GLN B 274 10.75 22.54 -17.59
N LEU B 275 10.88 22.10 -18.84
CA LEU B 275 9.72 21.50 -19.58
C LEU B 275 9.24 20.25 -18.86
N MET B 276 10.17 19.41 -18.41
CA MET B 276 9.85 18.20 -17.62
C MET B 276 9.02 18.60 -16.40
N ARG B 277 9.47 19.58 -15.63
CA ARG B 277 8.82 19.99 -14.36
C ARG B 277 7.39 20.46 -14.62
N LYS B 278 7.06 21.03 -15.79
CA LYS B 278 5.67 21.44 -16.08
C LYS B 278 4.74 20.25 -16.33
N CYS B 279 5.29 19.06 -16.58
CA CYS B 279 4.52 17.79 -16.64
C CYS B 279 4.03 17.40 -15.22
N TRP B 280 4.62 18.03 -14.19
CA TRP B 280 4.53 17.53 -12.81
C TRP B 280 3.97 18.55 -11.81
N GLU B 281 3.24 19.55 -12.30
CA GLU B 281 2.38 20.44 -11.49
C GLU B 281 1.37 19.56 -10.74
N PHE B 282 1.17 19.82 -9.45
CA PHE B 282 0.31 18.95 -8.62
C PHE B 282 -1.10 18.89 -9.21
N GLN B 283 -1.62 20.00 -9.75
CA GLN B 283 -3.01 20.10 -10.25
C GLN B 283 -3.02 19.77 -11.73
N PRO B 284 -3.91 18.85 -12.18
CA PRO B 284 -4.00 18.52 -13.59
C PRO B 284 -4.23 19.72 -14.52
N SER B 285 -5.10 20.66 -14.10
CA SER B 285 -5.51 21.86 -14.89
C SER B 285 -4.30 22.81 -15.11
N ASN B 286 -3.29 22.75 -14.25
CA ASN B 286 -2.07 23.57 -14.49
C ASN B 286 -1.35 22.94 -15.69
N ARG B 287 -0.77 21.73 -15.48
CA ARG B 287 0.18 21.00 -16.38
C ARG B 287 0.15 21.47 -17.84
N THR B 288 1.28 21.32 -18.50
CA THR B 288 1.50 21.62 -19.92
C THR B 288 0.63 20.70 -20.77
N SER B 289 0.35 21.07 -22.01
CA SER B 289 -0.25 20.16 -23.02
C SER B 289 0.88 19.40 -23.71
N PHE B 290 0.56 18.33 -24.43
CA PHE B 290 1.52 17.73 -25.38
C PHE B 290 1.89 18.74 -26.46
N GLN B 291 0.94 19.55 -26.99
CA GLN B 291 1.29 20.47 -28.10
C GLN B 291 2.34 21.50 -27.58
N ASN B 292 2.18 21.98 -26.35
CA ASN B 292 3.15 22.94 -25.77
C ASN B 292 4.54 22.28 -25.64
N LEU B 293 4.58 21.06 -25.11
CA LEU B 293 5.84 20.26 -25.05
C LEU B 293 6.47 20.14 -26.44
N ILE B 294 5.70 19.78 -27.46
CA ILE B 294 6.29 19.66 -28.83
C ILE B 294 6.93 21.01 -29.22
N GLU B 295 6.25 22.13 -28.94
CA GLU B 295 6.77 23.47 -29.32
C GLU B 295 7.99 23.78 -28.45
N GLY B 296 7.95 23.46 -27.14
CA GLY B 296 9.13 23.64 -26.27
C GLY B 296 10.35 22.87 -26.80
N PHE B 297 10.20 21.59 -27.18
CA PHE B 297 11.35 20.77 -27.67
C PHE B 297 11.83 21.29 -29.03
N GLU B 298 10.89 21.63 -29.92
CA GLU B 298 11.19 22.08 -31.29
C GLU B 298 11.97 23.41 -31.20
N ALA B 299 11.69 24.23 -30.20
CA ALA B 299 12.44 25.49 -29.99
C ALA B 299 13.89 25.14 -29.60
N LEU B 300 14.07 24.13 -28.76
CA LEU B 300 15.41 23.74 -28.26
C LEU B 300 16.23 23.08 -29.39
N LEU B 301 15.59 22.49 -30.42
CA LEU B 301 16.27 21.78 -31.54
C LEU B 301 16.68 22.72 -32.69
N LYS B 302 16.18 23.96 -32.74
CA LYS B 302 16.39 24.89 -33.89
C LYS B 302 17.89 25.03 -34.19
#